data_3ROQ
#
_entry.id   3ROQ
#
_cell.length_a   41.881
_cell.length_b   53.511
_cell.length_c   63.906
_cell.angle_alpha   109.330
_cell.angle_beta   90.530
_cell.angle_gamma   94.830
#
_symmetry.space_group_name_H-M   'P 1'
#
loop_
_entity.id
_entity.type
_entity.pdbx_description
1 polymer 'ADP-ribosyl cyclase 1'
2 non-polymer '(2R,3R,4S,5S)-4-fluoro-3,5-dihydroxytetrahydrofuran-2-yl 2-phenylethyl hydrogen (S)-phosphate'
3 water water
#
_entity_poly.entity_id   1
_entity_poly.type   'polypeptide(L)'
_entity_poly.pdbx_seq_one_letter_code
;EFRWRQTWSGPGTTKRFPETVLARCVKYTEIHPEMRHVDCQSVWDAFKGAFISKHPCDITEEDYQPLMKLGTQTVPCNKI
LLWSRIKDLAHQFTQVQRDMFTLEDTLLGYLADDLTWCGEFDTSKINYQSCPDWRKDCSNNPVSVFWKTVSRRFAEAACD
VVHVMLDGSRSKIFDKDSTFGSVEVHNLQPEKVQTLEAWVIHGGREDSRDLCQDPTIKELESIISKRNIQFSCKNIYRPD
KFLQCVKNPEDSSC
;
_entity_poly.pdbx_strand_id   A,B
#
loop_
_chem_comp.id
_chem_comp.type
_chem_comp.name
_chem_comp.formula
46Z D-saccharide, alpha linking '(2R,3R,4S,5S)-4-fluoro-3,5-dihydroxytetrahydrofuran-2-yl 2-phenylethyl hydrogen (S)-phosphate' 'C12 H16 F O7 P'
#
# COMPACT_ATOMS: atom_id res chain seq x y z
N ARG A 3 -12.90 21.03 -10.93
CA ARG A 3 -13.89 21.21 -9.84
C ARG A 3 -14.79 19.98 -9.68
N TRP A 4 -15.11 19.35 -10.80
CA TRP A 4 -15.94 18.14 -10.85
C TRP A 4 -15.12 16.89 -10.57
N ARG A 5 -13.81 17.05 -10.51
CA ARG A 5 -12.88 15.94 -10.30
C ARG A 5 -12.50 15.86 -8.83
N GLN A 6 -12.61 14.68 -8.27
CA GLN A 6 -12.15 14.47 -6.92
C GLN A 6 -10.75 13.89 -7.00
N THR A 7 -9.91 14.21 -6.03
CA THR A 7 -8.51 13.78 -6.09
C THR A 7 -8.34 12.30 -5.76
N TRP A 8 -9.10 11.77 -4.81
CA TRP A 8 -8.86 10.42 -4.31
C TRP A 8 -10.08 9.53 -4.41
N SER A 9 -9.86 8.21 -4.30
CA SER A 9 -10.96 7.22 -4.36
C SER A 9 -11.72 6.99 -3.06
N GLY A 10 -11.12 7.35 -1.94
CA GLY A 10 -11.70 7.00 -0.63
C GLY A 10 -12.55 8.13 -0.10
N PRO A 11 -13.31 7.86 0.98
CA PRO A 11 -14.04 8.90 1.71
C PRO A 11 -13.13 10.08 2.13
N GLY A 12 -13.65 11.31 2.05
CA GLY A 12 -12.93 12.47 2.58
C GLY A 12 -12.93 12.51 4.11
N THR A 13 -12.36 13.57 4.66
CA THR A 13 -12.30 13.78 6.11
C THR A 13 -13.73 13.86 6.66
N THR A 14 -13.97 13.15 7.74
CA THR A 14 -15.26 13.23 8.41
C THR A 14 -15.56 14.69 8.71
N LYS A 15 -16.80 15.11 8.54
CA LYS A 15 -17.18 16.50 8.78
C LYS A 15 -16.91 16.89 10.24
N ARG A 16 -16.43 18.12 10.45
CA ARG A 16 -16.14 18.62 11.80
C ARG A 16 -15.10 17.79 12.59
N PHE A 17 -14.16 17.20 11.84
CA PHE A 17 -13.06 16.39 12.38
C PHE A 17 -12.27 17.11 13.50
N PRO A 18 -11.83 18.38 13.26
CA PRO A 18 -11.15 19.14 14.31
C PRO A 18 -11.94 19.19 15.62
N GLU A 19 -13.19 19.64 15.54
CA GLU A 19 -14.07 19.73 16.70
C GLU A 19 -14.32 18.36 17.33
N THR A 20 -14.49 17.33 16.50
CA THR A 20 -14.77 15.97 17.00
C THR A 20 -13.59 15.38 17.76
N VAL A 21 -12.38 15.57 17.23
CA VAL A 21 -11.14 15.10 17.88
C VAL A 21 -10.91 15.78 19.23
N LEU A 22 -11.08 17.10 19.24
CA LEU A 22 -10.97 17.87 20.46
C LEU A 22 -11.98 17.43 21.52
N ALA A 23 -13.24 17.32 21.14
CA ALA A 23 -14.31 16.89 22.07
C ALA A 23 -14.09 15.47 22.61
N ARG A 24 -13.60 14.57 21.75
CA ARG A 24 -13.35 13.20 22.16
C ARG A 24 -12.21 13.18 23.16
N CYS A 25 -11.24 14.07 22.97
CA CYS A 25 -10.12 14.17 23.91
C CYS A 25 -10.63 14.64 25.28
N VAL A 26 -11.43 15.70 25.28
CA VAL A 26 -12.06 16.21 26.51
C VAL A 26 -12.88 15.13 27.19
N LYS A 27 -13.70 14.42 26.42
CA LYS A 27 -14.52 13.36 26.98
C LYS A 27 -13.66 12.22 27.55
N TYR A 28 -12.63 11.79 26.82
CA TYR A 28 -11.74 10.73 27.30
C TYR A 28 -11.02 11.10 28.60
N THR A 29 -10.48 12.32 28.64
CA THR A 29 -9.80 12.83 29.82
C THR A 29 -10.76 12.93 31.00
N GLU A 30 -12.05 13.08 30.70
CA GLU A 30 -13.07 13.11 31.73
C GLU A 30 -13.42 11.70 32.21
N ILE A 31 -13.59 10.76 31.30
CA ILE A 31 -13.93 9.37 31.69
C ILE A 31 -12.75 8.70 32.38
N HIS A 32 -11.53 9.03 31.95
CA HIS A 32 -10.31 8.42 32.49
C HIS A 32 -9.38 9.46 33.11
N PRO A 33 -9.43 9.61 34.45
CA PRO A 33 -8.61 10.59 35.18
C PRO A 33 -7.09 10.42 35.04
N GLU A 34 -6.64 9.17 34.84
CA GLU A 34 -5.20 8.89 34.77
C GLU A 34 -4.54 9.52 33.55
N MET A 35 -5.38 10.03 32.64
CA MET A 35 -4.94 10.65 31.41
C MET A 35 -5.30 12.14 31.38
N ARG A 36 -5.67 12.66 32.54
CA ARG A 36 -6.19 14.01 32.69
C ARG A 36 -5.09 15.05 32.56
N HIS A 37 -3.85 14.59 32.68
CA HIS A 37 -2.66 15.43 32.55
C HIS A 37 -2.49 15.92 31.11
N VAL A 38 -3.17 15.26 30.18
CA VAL A 38 -3.09 15.56 28.76
C VAL A 38 -3.67 16.95 28.45
N ASP A 39 -2.97 17.73 27.62
CA ASP A 39 -3.48 19.00 27.14
C ASP A 39 -4.15 18.74 25.81
N CYS A 40 -5.48 18.81 25.78
CA CYS A 40 -6.23 18.36 24.58
C CYS A 40 -5.97 19.20 23.34
N GLN A 41 -5.77 20.51 23.52
CA GLN A 41 -5.39 21.39 22.43
C GLN A 41 -4.05 20.97 21.83
N SER A 42 -3.10 20.64 22.71
CA SER A 42 -1.78 20.21 22.29
C SER A 42 -1.85 18.88 21.54
N VAL A 43 -2.76 18.01 21.98
CA VAL A 43 -2.98 16.73 21.31
C VAL A 43 -3.46 16.98 19.89
N TRP A 44 -4.49 17.81 19.74
CA TRP A 44 -5.02 18.14 18.43
C TRP A 44 -3.95 18.76 17.53
N ASP A 45 -3.19 19.71 18.09
CA ASP A 45 -2.11 20.36 17.37
C ASP A 45 -1.12 19.36 16.78
N ALA A 46 -0.66 18.42 17.60
CA ALA A 46 0.26 17.38 17.15
C ALA A 46 -0.38 16.41 16.16
N PHE A 47 -1.65 16.07 16.39
CA PHE A 47 -2.40 15.24 15.45
C PHE A 47 -2.41 15.93 14.08
N LYS A 48 -2.88 17.16 14.08
CA LYS A 48 -2.94 18.03 12.92
C LYS A 48 -1.57 18.13 12.23
N GLY A 49 -0.52 18.31 13.03
CA GLY A 49 0.85 18.46 12.53
C GLY A 49 1.36 17.23 11.79
N ALA A 50 0.84 16.06 12.15
CA ALA A 50 1.22 14.82 11.49
C ALA A 50 0.90 14.77 10.00
N PHE A 51 -0.25 15.34 9.60
CA PHE A 51 -0.70 15.22 8.20
C PHE A 51 -0.97 16.51 7.44
N ILE A 52 -1.21 17.63 8.13
CA ILE A 52 -1.52 18.88 7.44
C ILE A 52 -0.36 19.32 6.56
N SER A 53 -0.68 19.79 5.36
CA SER A 53 0.30 20.25 4.36
C SER A 53 1.18 19.16 3.77
N LYS A 54 0.93 17.91 4.13
CA LYS A 54 1.72 16.81 3.62
C LYS A 54 0.97 16.13 2.50
N HIS A 55 1.71 15.61 1.54
CA HIS A 55 1.10 14.83 0.49
C HIS A 55 0.55 13.59 1.17
N PRO A 56 -0.75 13.31 0.97
CA PRO A 56 -1.42 12.21 1.67
C PRO A 56 -0.97 10.81 1.23
N CYS A 57 0.08 10.72 0.41
CA CYS A 57 0.67 9.43 0.04
C CYS A 57 2.08 9.28 0.60
N ASP A 58 2.51 10.31 1.33
CA ASP A 58 3.86 10.40 1.86
C ASP A 58 3.98 10.46 3.38
N ILE A 59 2.94 10.02 4.07
CA ILE A 59 2.94 10.04 5.53
C ILE A 59 3.87 8.96 6.05
N THR A 60 4.56 9.23 7.16
CA THR A 60 5.45 8.23 7.80
C THR A 60 5.07 8.07 9.26
N GLU A 61 5.47 6.94 9.87
CA GLU A 61 5.28 6.77 11.31
C GLU A 61 5.92 7.93 12.10
N GLU A 62 6.97 8.52 11.54
CA GLU A 62 7.71 9.61 12.17
C GLU A 62 6.84 10.86 12.29
N ASP A 63 6.03 11.13 11.27
CA ASP A 63 5.07 12.23 11.31
C ASP A 63 4.14 12.15 12.54
N TYR A 64 3.79 10.92 12.95
CA TYR A 64 2.89 10.72 14.09
C TYR A 64 3.57 10.64 15.46
N GLN A 65 4.90 10.65 15.49
CA GLN A 65 5.64 10.50 16.74
C GLN A 65 5.30 11.55 17.82
N PRO A 66 5.25 12.85 17.45
CA PRO A 66 4.87 13.85 18.45
C PRO A 66 3.48 13.58 19.06
N LEU A 67 2.55 13.06 18.27
CA LEU A 67 1.24 12.66 18.80
C LEU A 67 1.37 11.44 19.70
N MET A 68 2.20 10.48 19.28
CA MET A 68 2.50 9.28 20.06
C MET A 68 3.07 9.64 21.44
N LYS A 69 3.92 10.67 21.49
CA LYS A 69 4.52 11.14 22.73
C LYS A 69 3.44 11.72 23.66
N LEU A 70 2.63 12.64 23.14
CA LEU A 70 1.59 13.27 23.97
C LEU A 70 0.55 12.28 24.45
N GLY A 71 0.30 11.25 23.64
CA GLY A 71 -0.66 10.24 23.97
C GLY A 71 -0.08 9.03 24.69
N THR A 72 1.12 9.19 25.27
CA THR A 72 1.74 8.13 26.08
C THR A 72 0.75 7.66 27.14
N GLN A 73 0.52 6.35 27.17
CA GLN A 73 -0.43 5.75 28.09
C GLN A 73 -0.09 4.30 28.35
N THR A 74 0.10 3.98 29.63
CA THR A 74 0.34 2.62 30.02
C THR A 74 -0.97 2.04 30.50
N VAL A 75 -1.47 1.06 29.77
CA VAL A 75 -2.63 0.33 30.23
C VAL A 75 -2.11 -1.03 30.70
N PRO A 76 -2.78 -1.62 31.70
CA PRO A 76 -2.26 -2.89 32.19
C PRO A 76 -1.94 -3.80 30.99
N CYS A 77 -0.64 -4.07 30.79
CA CYS A 77 -0.17 -4.80 29.62
C CYS A 77 -0.73 -6.23 29.54
N ASN A 78 -1.17 -6.76 30.68
CA ASN A 78 -1.71 -8.11 30.78
C ASN A 78 -3.23 -8.18 30.59
N LYS A 79 -3.84 -7.04 30.23
CA LYS A 79 -5.30 -6.95 30.10
C LYS A 79 -5.75 -6.51 28.71
N ILE A 80 -4.98 -6.86 27.71
CA ILE A 80 -5.21 -6.41 26.36
C ILE A 80 -6.05 -7.38 25.53
N LEU A 81 -7.06 -6.82 24.86
CA LEU A 81 -7.85 -7.54 23.88
C LEU A 81 -7.59 -6.99 22.47
N LEU A 82 -6.96 -7.83 21.63
CA LEU A 82 -6.89 -7.58 20.21
C LEU A 82 -8.14 -8.15 19.56
N TRP A 83 -8.43 -7.68 18.35
CA TRP A 83 -9.55 -8.14 17.52
C TRP A 83 -9.16 -7.95 16.05
N SER A 84 -9.66 -8.81 15.19
CA SER A 84 -9.55 -8.57 13.76
C SER A 84 -10.94 -8.61 13.13
N ARG A 85 -11.33 -7.50 12.50
CA ARG A 85 -12.60 -7.35 11.73
C ARG A 85 -13.89 -7.65 12.49
N ILE A 86 -13.85 -7.55 13.82
CA ILE A 86 -15.01 -7.82 14.66
C ILE A 86 -15.10 -6.76 15.76
N LYS A 87 -14.92 -5.51 15.32
CA LYS A 87 -14.83 -4.34 16.19
C LYS A 87 -15.97 -4.22 17.20
N ASP A 88 -17.21 -4.32 16.73
CA ASP A 88 -18.39 -4.13 17.58
C ASP A 88 -18.41 -4.98 18.85
N LEU A 89 -18.33 -6.31 18.72
CA LEU A 89 -18.38 -7.20 19.88
C LEU A 89 -17.19 -7.00 20.85
N ALA A 90 -16.01 -6.76 20.27
CA ALA A 90 -14.81 -6.47 21.06
C ALA A 90 -15.06 -5.22 21.93
N HIS A 91 -15.56 -4.16 21.32
CA HIS A 91 -15.89 -2.94 22.08
C HIS A 91 -17.01 -3.17 23.10
N GLN A 92 -18.04 -3.92 22.69
CA GLN A 92 -19.16 -4.24 23.58
C GLN A 92 -18.65 -5.03 24.78
N PHE A 93 -17.65 -5.87 24.53
CA PHE A 93 -16.98 -6.64 25.58
C PHE A 93 -16.26 -5.75 26.59
N THR A 94 -15.45 -4.81 26.11
CA THR A 94 -14.67 -3.97 27.03
C THR A 94 -15.50 -2.92 27.78
N GLN A 95 -16.69 -2.62 27.27
CA GLN A 95 -17.63 -1.71 27.94
C GLN A 95 -18.21 -2.34 29.21
N VAL A 96 -18.35 -3.67 29.19
CA VAL A 96 -18.79 -4.40 30.37
C VAL A 96 -17.58 -4.84 31.20
N GLN A 97 -16.69 -5.61 30.58
CA GLN A 97 -15.45 -6.07 31.22
C GLN A 97 -14.44 -4.93 31.18
N ARG A 98 -14.61 -4.00 32.12
CA ARG A 98 -13.91 -2.71 32.08
C ARG A 98 -12.43 -2.75 32.49
N ASP A 99 -11.97 -3.92 32.92
CA ASP A 99 -10.56 -4.11 33.27
C ASP A 99 -9.72 -4.57 32.07
N MET A 100 -10.34 -4.65 30.89
CA MET A 100 -9.63 -5.04 29.68
C MET A 100 -9.75 -3.99 28.60
N PHE A 101 -8.71 -3.90 27.77
CA PHE A 101 -8.53 -2.79 26.84
C PHE A 101 -8.29 -3.25 25.40
N THR A 102 -9.09 -2.73 24.48
CA THR A 102 -8.76 -2.78 23.07
C THR A 102 -8.03 -1.48 22.76
N LEU A 103 -7.47 -1.41 21.56
CA LEU A 103 -6.77 -0.23 21.10
C LEU A 103 -7.63 1.03 21.22
N GLU A 104 -8.93 0.87 20.96
CA GLU A 104 -9.83 2.03 20.92
C GLU A 104 -10.30 2.47 22.32
N ASP A 105 -9.85 1.76 23.34
CA ASP A 105 -10.08 2.14 24.72
C ASP A 105 -8.90 2.92 25.26
N THR A 106 -7.88 3.10 24.42
CA THR A 106 -6.79 4.05 24.70
C THR A 106 -7.18 5.40 24.14
N LEU A 107 -6.54 6.46 24.64
CA LEU A 107 -6.87 7.80 24.23
C LEU A 107 -6.71 7.94 22.72
N LEU A 108 -5.56 7.52 22.20
CA LEU A 108 -5.26 7.66 20.78
C LEU A 108 -6.24 6.91 19.89
N GLY A 109 -6.50 5.64 20.20
CA GLY A 109 -7.49 4.85 19.46
C GLY A 109 -8.89 5.46 19.53
N TYR A 110 -9.24 5.91 20.74
CA TYR A 110 -10.55 6.52 20.99
C TYR A 110 -10.76 7.77 20.14
N LEU A 111 -9.70 8.56 19.96
CA LEU A 111 -9.78 9.81 19.16
C LEU A 111 -10.07 9.53 17.70
N ALA A 112 -9.43 8.50 17.17
CA ALA A 112 -9.42 8.21 15.72
C ALA A 112 -10.50 7.23 15.25
N ASP A 113 -11.05 6.46 16.19
CA ASP A 113 -12.05 5.41 15.88
C ASP A 113 -13.20 5.87 15.02
N ASP A 114 -13.36 5.21 13.87
CA ASP A 114 -14.41 5.50 12.88
C ASP A 114 -14.22 6.83 12.15
N LEU A 115 -13.05 7.43 12.28
CA LEU A 115 -12.86 8.69 11.59
C LEU A 115 -11.93 8.58 10.39
N THR A 116 -12.11 9.50 9.44
CA THR A 116 -11.29 9.58 8.25
C THR A 116 -10.75 11.00 8.20
N TRP A 117 -9.49 11.16 7.76
CA TRP A 117 -8.87 12.49 7.64
C TRP A 117 -7.70 12.47 6.68
N CYS A 118 -7.49 13.59 5.98
CA CYS A 118 -6.29 13.78 5.17
C CYS A 118 -6.16 15.28 4.84
N GLY A 119 -4.96 15.70 4.50
CA GLY A 119 -4.72 17.07 4.09
C GLY A 119 -4.49 17.17 2.60
N GLU A 120 -3.89 18.27 2.18
CA GLU A 120 -3.57 18.55 0.80
C GLU A 120 -2.09 18.91 0.73
N PHE A 121 -1.38 18.41 -0.27
CA PHE A 121 0.03 18.72 -0.35
C PHE A 121 0.23 20.24 -0.43
N ASP A 122 1.06 20.75 0.49
CA ASP A 122 1.53 22.14 0.52
C ASP A 122 0.44 23.21 0.71
N THR A 123 -0.72 22.83 1.25
CA THR A 123 -1.68 23.80 1.78
C THR A 123 -2.18 23.40 3.16
N SER A 124 -2.74 24.36 3.87
CA SER A 124 -3.25 24.18 5.23
C SER A 124 -4.63 23.54 5.29
N LYS A 125 -5.17 23.14 4.15
CA LYS A 125 -6.56 22.70 4.13
C LYS A 125 -6.73 21.19 4.41
N ILE A 126 -7.81 20.89 5.11
CA ILE A 126 -8.24 19.54 5.33
C ILE A 126 -9.12 19.14 4.15
N ASN A 127 -8.87 17.97 3.56
CA ASN A 127 -9.65 17.54 2.41
C ASN A 127 -10.94 16.86 2.89
N TYR A 128 -12.03 17.61 2.77
CA TYR A 128 -13.32 17.12 3.20
C TYR A 128 -14.06 16.35 2.10
N GLN A 129 -13.49 16.34 0.90
CA GLN A 129 -14.15 15.73 -0.26
C GLN A 129 -13.76 14.25 -0.53
N SER A 130 -12.47 13.96 -0.42
CA SER A 130 -11.92 12.63 -0.67
C SER A 130 -10.53 12.51 -0.04
N CYS A 131 -10.20 11.27 0.35
CA CYS A 131 -8.91 10.91 0.92
C CYS A 131 -8.47 9.59 0.30
N PRO A 132 -7.15 9.33 0.23
CA PRO A 132 -6.64 8.14 -0.45
C PRO A 132 -7.24 6.85 0.07
N ASP A 133 -7.62 5.98 -0.87
CA ASP A 133 -8.00 4.63 -0.54
C ASP A 133 -6.73 3.83 -0.44
N TRP A 134 -6.62 3.07 0.65
CA TRP A 134 -5.43 2.27 0.93
C TRP A 134 -5.02 1.43 -0.28
N ARG A 135 -5.99 0.81 -0.94
CA ARG A 135 -5.72 -0.12 -2.04
C ARG A 135 -5.64 0.56 -3.41
N LYS A 136 -6.61 1.42 -3.69
CA LYS A 136 -6.75 2.03 -5.01
C LYS A 136 -5.75 3.16 -5.22
N ASP A 137 -5.43 3.88 -4.15
CA ASP A 137 -4.57 5.07 -4.25
C ASP A 137 -3.14 4.81 -3.76
N CYS A 138 -2.95 4.77 -2.45
CA CYS A 138 -1.64 4.63 -1.87
C CYS A 138 -1.79 4.24 -0.42
N SER A 139 -0.86 3.41 0.05
CA SER A 139 -0.93 2.89 1.41
C SER A 139 -0.39 3.84 2.50
N ASN A 140 0.48 4.79 2.13
CA ASN A 140 1.07 5.67 3.15
C ASN A 140 0.28 6.95 3.33
N ASN A 141 -1.01 6.76 3.63
CA ASN A 141 -1.97 7.84 3.82
C ASN A 141 -2.19 8.14 5.30
N PRO A 142 -2.69 9.36 5.62
CA PRO A 142 -2.79 9.78 7.04
C PRO A 142 -3.53 8.76 7.93
N VAL A 143 -4.59 8.18 7.43
CA VAL A 143 -5.38 7.23 8.21
C VAL A 143 -4.65 5.89 8.40
N SER A 144 -4.22 5.29 7.31
CA SER A 144 -3.56 3.97 7.38
C SER A 144 -2.27 3.98 8.20
N VAL A 145 -1.50 5.05 8.05
CA VAL A 145 -0.22 5.20 8.73
C VAL A 145 -0.43 5.44 10.23
N PHE A 146 -1.50 6.14 10.57
CA PHE A 146 -1.83 6.35 11.97
C PHE A 146 -2.11 5.01 12.65
N TRP A 147 -2.97 4.20 12.04
CA TRP A 147 -3.37 2.93 12.66
C TRP A 147 -2.20 1.96 12.79
N LYS A 148 -1.34 1.96 11.78
CA LYS A 148 -0.11 1.15 11.74
C LYS A 148 0.81 1.47 12.92
N THR A 149 1.08 2.77 13.10
CA THR A 149 1.88 3.30 14.19
C THR A 149 1.31 2.93 15.57
N VAL A 150 0.04 3.22 15.82
CA VAL A 150 -0.55 3.00 17.13
CA VAL A 150 -0.53 2.98 17.14
C VAL A 150 -0.66 1.49 17.42
N SER A 151 -1.05 0.72 16.40
CA SER A 151 -1.20 -0.75 16.55
C SER A 151 0.11 -1.47 16.86
N ARG A 152 1.21 -1.00 16.28
CA ARG A 152 2.56 -1.49 16.54
C ARG A 152 2.91 -1.27 18.01
N ARG A 153 2.83 -0.03 18.47
CA ARG A 153 3.12 0.30 19.86
C ARG A 153 2.26 -0.49 20.86
N PHE A 154 0.97 -0.59 20.55
CA PHE A 154 0.00 -1.29 21.39
C PHE A 154 0.34 -2.78 21.49
N ALA A 155 0.67 -3.38 20.36
CA ALA A 155 1.10 -4.77 20.33
C ALA A 155 2.45 -4.95 21.03
N GLU A 156 3.34 -3.95 20.89
CA GLU A 156 4.65 -3.98 21.56
C GLU A 156 4.56 -3.84 23.08
N ALA A 157 3.53 -3.14 23.56
CA ALA A 157 3.30 -2.99 25.00
C ALA A 157 2.60 -4.20 25.62
N ALA A 158 1.99 -5.04 24.78
CA ALA A 158 1.26 -6.21 25.28
C ALA A 158 2.16 -7.18 26.04
N CYS A 159 1.60 -7.81 27.06
CA CYS A 159 2.36 -8.76 27.88
C CYS A 159 1.48 -9.87 28.40
N ASP A 160 2.13 -10.90 28.95
CA ASP A 160 1.48 -12.03 29.63
C ASP A 160 0.51 -12.82 28.71
N VAL A 161 -0.78 -12.84 29.03
CA VAL A 161 -1.76 -13.43 28.13
C VAL A 161 -2.47 -12.32 27.32
N VAL A 162 -2.32 -12.37 26.01
CA VAL A 162 -2.96 -11.43 25.10
C VAL A 162 -4.12 -12.18 24.46
N HIS A 163 -5.30 -11.58 24.46
CA HIS A 163 -6.43 -12.20 23.80
C HIS A 163 -6.76 -11.54 22.47
N VAL A 164 -7.20 -12.36 21.53
CA VAL A 164 -7.66 -11.85 20.25
C VAL A 164 -9.01 -12.45 19.88
N MET A 165 -9.94 -11.56 19.59
CA MET A 165 -11.27 -11.90 19.12
C MET A 165 -11.23 -11.87 17.61
N LEU A 166 -11.69 -12.96 17.00
CA LEU A 166 -11.78 -13.08 15.55
C LEU A 166 -13.20 -13.44 15.06
N ASP A 167 -13.47 -13.04 13.82
CA ASP A 167 -14.78 -13.21 13.16
C ASP A 167 -14.85 -14.54 12.41
N GLY A 168 -15.34 -15.56 13.11
CA GLY A 168 -15.45 -16.91 12.57
C GLY A 168 -16.31 -17.03 11.33
N SER A 169 -17.13 -16.01 11.05
CA SER A 169 -18.05 -16.04 9.91
C SER A 169 -17.40 -15.52 8.61
N ARG A 170 -16.14 -15.12 8.69
CA ARG A 170 -15.44 -14.65 7.49
C ARG A 170 -14.74 -15.75 6.71
N SER A 171 -14.42 -15.45 5.45
CA SER A 171 -13.74 -16.37 4.55
C SER A 171 -12.32 -16.68 5.06
N LYS A 172 -11.68 -15.65 5.59
CA LYS A 172 -10.37 -15.79 6.24
C LYS A 172 -10.46 -15.31 7.68
N ILE A 173 -10.62 -16.26 8.61
CA ILE A 173 -10.81 -15.96 10.03
C ILE A 173 -9.56 -15.27 10.59
N PHE A 174 -8.41 -15.84 10.29
CA PHE A 174 -7.16 -15.13 10.41
C PHE A 174 -6.69 -14.78 9.00
N ASP A 175 -6.76 -13.49 8.71
CA ASP A 175 -6.31 -12.95 7.45
C ASP A 175 -4.96 -12.32 7.74
N LYS A 176 -3.90 -12.98 7.28
CA LYS A 176 -2.52 -12.55 7.57
C LYS A 176 -2.21 -11.18 6.95
N ASP A 177 -3.16 -10.68 6.17
CA ASP A 177 -3.06 -9.39 5.52
C ASP A 177 -3.72 -8.28 6.33
N SER A 178 -4.55 -8.67 7.31
CA SER A 178 -5.19 -7.68 8.20
C SER A 178 -4.13 -6.90 9.00
N THR A 179 -4.56 -5.88 9.73
CA THR A 179 -3.64 -5.17 10.63
C THR A 179 -3.25 -6.06 11.81
N PHE A 180 -4.19 -6.90 12.25
CA PHE A 180 -3.83 -7.88 13.27
C PHE A 180 -2.67 -8.72 12.74
N GLY A 181 -2.91 -9.39 11.62
CA GLY A 181 -1.93 -10.28 10.97
C GLY A 181 -0.60 -9.70 10.53
N SER A 182 -0.59 -8.48 10.01
CA SER A 182 0.64 -7.92 9.43
C SER A 182 1.47 -7.02 10.35
N VAL A 183 0.84 -6.47 11.39
CA VAL A 183 1.46 -5.47 12.26
C VAL A 183 1.43 -5.94 13.72
N GLU A 184 0.27 -6.33 14.19
CA GLU A 184 0.13 -6.68 15.59
C GLU A 184 0.82 -7.97 15.96
N VAL A 185 0.49 -9.06 15.24
CA VAL A 185 1.07 -10.36 15.54
C VAL A 185 2.60 -10.32 15.61
N HIS A 186 3.24 -9.78 14.57
CA HIS A 186 4.69 -9.80 14.51
C HIS A 186 5.34 -8.84 15.52
N ASN A 187 4.52 -8.04 16.20
CA ASN A 187 5.00 -7.13 17.24
C ASN A 187 4.76 -7.59 18.67
N LEU A 188 4.19 -8.78 18.80
CA LEU A 188 4.05 -9.44 20.09
C LEU A 188 5.40 -10.02 20.50
N GLN A 189 6.07 -9.36 21.45
CA GLN A 189 7.42 -9.73 21.91
C GLN A 189 7.38 -10.94 22.85
N PRO A 190 8.14 -12.01 22.55
CA PRO A 190 8.11 -13.23 23.37
C PRO A 190 8.74 -13.08 24.76
N GLU A 191 9.50 -12.01 24.94
CA GLU A 191 10.04 -11.64 26.26
C GLU A 191 8.93 -11.20 27.21
N LYS A 192 7.86 -10.66 26.62
CA LYS A 192 6.74 -10.07 27.35
C LYS A 192 5.53 -10.98 27.31
N VAL A 193 5.24 -11.53 26.13
CA VAL A 193 4.00 -12.24 25.88
C VAL A 193 4.20 -13.75 26.02
N GLN A 194 3.52 -14.32 27.02
CA GLN A 194 3.50 -15.78 27.26
C GLN A 194 2.59 -16.50 26.27
N THR A 195 1.33 -16.06 26.20
CA THR A 195 0.30 -16.75 25.44
C THR A 195 -0.46 -15.76 24.53
N LEU A 196 -0.84 -16.23 23.34
CA LEU A 196 -1.89 -15.60 22.56
C LEU A 196 -3.07 -16.57 22.52
N GLU A 197 -4.19 -16.14 23.10
CA GLU A 197 -5.42 -16.91 23.09
C GLU A 197 -6.45 -16.28 22.16
N ALA A 198 -6.91 -17.07 21.18
CA ALA A 198 -7.90 -16.59 20.22
C ALA A 198 -9.30 -17.03 20.63
N TRP A 199 -10.23 -16.08 20.53
CA TRP A 199 -11.64 -16.37 20.69
C TRP A 199 -12.27 -16.22 19.32
N VAL A 200 -12.71 -17.34 18.76
CA VAL A 200 -13.33 -17.33 17.44
C VAL A 200 -14.84 -17.23 17.55
N ILE A 201 -15.37 -16.07 17.15
CA ILE A 201 -16.78 -15.76 17.27
C ILE A 201 -17.57 -16.31 16.08
N HIS A 202 -18.41 -17.31 16.37
CA HIS A 202 -19.33 -17.91 15.40
C HIS A 202 -20.52 -16.96 15.13
N GLY A 203 -21.17 -17.14 13.99
CA GLY A 203 -22.34 -16.33 13.64
C GLY A 203 -23.61 -17.15 13.48
N GLY A 204 -24.67 -16.75 14.20
CA GLY A 204 -25.97 -17.38 14.07
C GLY A 204 -26.06 -18.75 14.72
N ARG A 205 -26.67 -19.71 14.03
CA ARG A 205 -26.79 -21.08 14.53
C ARG A 205 -25.69 -21.99 13.98
N GLU A 206 -24.61 -21.38 13.51
CA GLU A 206 -23.46 -22.13 12.99
C GLU A 206 -22.52 -22.48 14.15
N ASP A 207 -22.88 -23.55 14.86
CA ASP A 207 -22.13 -24.02 16.03
C ASP A 207 -21.73 -25.50 15.92
N SER A 208 -21.76 -26.05 14.70
CA SER A 208 -21.43 -27.45 14.48
C SER A 208 -19.94 -27.72 14.28
N ARG A 209 -19.15 -26.64 14.12
CA ARG A 209 -17.72 -26.76 13.80
C ARG A 209 -16.76 -26.17 14.85
N ASP A 210 -15.61 -26.83 15.00
CA ASP A 210 -14.51 -26.31 15.78
C ASP A 210 -13.68 -25.43 14.84
N LEU A 211 -13.91 -24.13 14.93
CA LEU A 211 -13.25 -23.16 14.05
C LEU A 211 -11.79 -22.92 14.41
N CYS A 212 -11.39 -23.38 15.59
CA CYS A 212 -9.99 -23.44 15.97
C CYS A 212 -9.21 -24.43 15.09
N GLN A 213 -9.94 -25.25 14.33
CA GLN A 213 -9.32 -26.21 13.40
C GLN A 213 -9.23 -25.64 12.00
N ASP A 214 -9.75 -24.44 11.81
CA ASP A 214 -9.67 -23.78 10.52
C ASP A 214 -8.21 -23.63 10.11
N PRO A 215 -7.92 -23.89 8.82
CA PRO A 215 -6.59 -23.68 8.26
C PRO A 215 -5.93 -22.35 8.66
N THR A 216 -6.65 -21.24 8.54
CA THR A 216 -6.07 -19.92 8.88
C THR A 216 -5.73 -19.79 10.37
N ILE A 217 -6.45 -20.51 11.21
CA ILE A 217 -6.15 -20.53 12.65
C ILE A 217 -4.89 -21.36 12.92
N LYS A 218 -4.74 -22.48 12.21
CA LYS A 218 -3.50 -23.25 12.22
C LYS A 218 -2.32 -22.43 11.66
N GLU A 219 -2.58 -21.60 10.65
CA GLU A 219 -1.56 -20.67 10.15
C GLU A 219 -1.15 -19.67 11.23
N LEU A 220 -2.13 -19.17 11.98
CA LEU A 220 -1.86 -18.28 13.10
C LEU A 220 -1.09 -18.99 14.23
N GLU A 221 -1.51 -20.22 14.53
CA GLU A 221 -0.86 -21.05 15.53
C GLU A 221 0.62 -21.24 15.20
N SER A 222 0.89 -21.52 13.93
CA SER A 222 2.24 -21.72 13.40
C SER A 222 3.12 -20.48 13.54
N ILE A 223 2.61 -19.33 13.11
CA ILE A 223 3.32 -18.05 13.25
C ILE A 223 3.60 -17.70 14.71
N ILE A 224 2.59 -17.85 15.56
CA ILE A 224 2.72 -17.54 16.98
C ILE A 224 3.77 -18.44 17.65
N SER A 225 3.70 -19.74 17.38
CA SER A 225 4.66 -20.71 17.90
C SER A 225 6.10 -20.45 17.44
N LYS A 226 6.27 -20.00 16.21
CA LYS A 226 7.59 -19.64 15.67
C LYS A 226 8.16 -18.37 16.31
N ARG A 227 7.31 -17.63 17.02
CA ARG A 227 7.76 -16.50 17.83
C ARG A 227 8.02 -16.93 19.29
N ASN A 228 7.99 -18.24 19.54
CA ASN A 228 8.13 -18.79 20.90
C ASN A 228 7.05 -18.28 21.86
N ILE A 229 5.81 -18.29 21.38
CA ILE A 229 4.66 -17.86 22.17
C ILE A 229 3.64 -19.00 22.13
N GLN A 230 3.08 -19.33 23.29
CA GLN A 230 2.01 -20.32 23.40
C GLN A 230 0.78 -19.82 22.66
N PHE A 231 0.02 -20.73 22.08
CA PHE A 231 -1.23 -20.38 21.41
C PHE A 231 -2.39 -21.18 21.96
N SER A 232 -3.48 -20.48 22.22
CA SER A 232 -4.68 -21.12 22.71
C SER A 232 -5.81 -20.60 21.87
N CYS A 233 -6.84 -21.41 21.66
CA CYS A 233 -7.99 -20.99 20.90
C CYS A 233 -9.26 -21.55 21.51
N LYS A 234 -10.26 -20.68 21.64
CA LYS A 234 -11.57 -21.06 22.15
C LYS A 234 -12.62 -20.73 21.11
N ASN A 235 -13.63 -21.57 21.00
CA ASN A 235 -14.80 -21.25 20.21
C ASN A 235 -15.84 -20.49 21.02
N ILE A 236 -16.38 -19.42 20.44
CA ILE A 236 -17.52 -18.74 21.03
C ILE A 236 -18.74 -18.94 20.11
N TYR A 237 -19.54 -19.94 20.47
CA TYR A 237 -20.64 -20.38 19.64
C TYR A 237 -21.83 -19.43 19.71
N ARG A 238 -22.06 -18.86 20.89
CA ARG A 238 -23.19 -17.95 21.11
C ARG A 238 -22.71 -16.62 21.67
N PRO A 239 -22.31 -15.67 20.77
CA PRO A 239 -21.84 -14.35 21.17
C PRO A 239 -22.94 -13.54 21.86
N ASP A 240 -24.18 -13.79 21.46
CA ASP A 240 -25.35 -13.18 22.11
C ASP A 240 -25.39 -13.55 23.59
N LYS A 241 -25.28 -14.85 23.88
CA LYS A 241 -25.26 -15.35 25.25
C LYS A 241 -23.94 -15.04 25.95
N PHE A 242 -22.87 -14.99 25.18
CA PHE A 242 -21.54 -14.60 25.68
C PHE A 242 -21.58 -13.22 26.35
N LEU A 243 -22.03 -12.21 25.59
CA LEU A 243 -22.15 -10.86 26.14
C LEU A 243 -23.01 -10.81 27.40
N GLN A 244 -24.11 -11.56 27.39
CA GLN A 244 -25.01 -11.65 28.54
C GLN A 244 -24.32 -12.20 29.78
N CYS A 245 -23.50 -13.23 29.59
CA CYS A 245 -22.77 -13.88 30.67
C CYS A 245 -21.65 -13.01 31.20
N VAL A 246 -21.09 -12.18 30.33
CA VAL A 246 -20.11 -11.17 30.73
C VAL A 246 -20.78 -10.10 31.58
N LYS A 247 -22.00 -9.70 31.18
CA LYS A 247 -22.80 -8.73 31.91
C LYS A 247 -23.32 -9.26 33.25
N ASN A 248 -23.90 -10.47 33.23
CA ASN A 248 -24.42 -11.09 34.45
C ASN A 248 -23.82 -12.48 34.66
N PRO A 249 -22.59 -12.55 35.20
CA PRO A 249 -21.88 -13.81 35.43
C PRO A 249 -22.62 -14.76 36.38
N GLU A 250 -23.61 -14.22 37.08
CA GLU A 250 -24.42 -14.98 38.04
C GLU A 250 -25.44 -15.90 37.35
N ASP A 251 -25.63 -15.72 36.04
CA ASP A 251 -26.59 -16.52 35.26
C ASP A 251 -26.09 -17.95 35.09
N SER A 252 -26.90 -18.90 35.56
CA SER A 252 -26.63 -20.32 35.35
C SER A 252 -27.13 -20.72 33.97
N SER A 253 -26.23 -20.69 33.00
CA SER A 253 -26.52 -20.96 31.59
C SER A 253 -25.19 -20.97 30.87
N CYS A 254 -24.21 -20.34 31.51
CA CYS A 254 -22.91 -20.09 30.92
C CYS A 254 -21.94 -21.24 31.19
N ARG B 3 -22.34 -9.78 -30.99
CA ARG B 3 -21.31 -9.86 -32.09
C ARG B 3 -20.92 -8.48 -32.61
N TRP B 4 -21.93 -7.63 -32.79
CA TRP B 4 -21.76 -6.28 -33.34
C TRP B 4 -21.25 -5.28 -32.31
N ARG B 5 -21.41 -5.62 -31.04
CA ARG B 5 -20.97 -4.76 -29.93
C ARG B 5 -19.97 -5.45 -29.02
N GLN B 6 -19.09 -4.64 -28.45
CA GLN B 6 -18.05 -5.11 -27.55
C GLN B 6 -18.41 -4.73 -26.11
N THR B 7 -18.03 -5.60 -25.17
CA THR B 7 -18.31 -5.38 -23.75
C THR B 7 -17.60 -4.14 -23.20
N TRP B 8 -16.35 -3.94 -23.61
CA TRP B 8 -15.51 -2.87 -23.05
C TRP B 8 -15.13 -1.82 -24.10
N SER B 9 -14.65 -0.66 -23.64
CA SER B 9 -14.21 0.42 -24.51
C SER B 9 -12.76 0.27 -25.00
N GLY B 10 -11.97 -0.55 -24.33
CA GLY B 10 -10.55 -0.62 -24.64
C GLY B 10 -10.18 -1.75 -25.57
N PRO B 11 -9.03 -1.62 -26.28
CA PRO B 11 -8.58 -2.69 -27.18
C PRO B 11 -8.49 -4.02 -26.45
N GLY B 12 -8.84 -5.10 -27.13
CA GLY B 12 -8.79 -6.43 -26.53
C GLY B 12 -7.36 -6.90 -26.37
N THR B 13 -7.23 -8.17 -25.99
CA THR B 13 -5.93 -8.78 -25.79
C THR B 13 -5.15 -8.80 -27.10
N THR B 14 -3.84 -8.53 -27.00
CA THR B 14 -2.93 -8.62 -28.13
C THR B 14 -2.99 -10.01 -28.75
N LYS B 15 -2.91 -10.08 -30.07
CA LYS B 15 -2.91 -11.35 -30.79
C LYS B 15 -1.76 -12.26 -30.34
N ARG B 16 -2.08 -13.56 -30.17
CA ARG B 16 -1.11 -14.58 -29.75
C ARG B 16 -0.46 -14.25 -28.39
N PHE B 17 -1.24 -13.70 -27.46
CA PHE B 17 -0.72 -13.27 -26.15
C PHE B 17 0.06 -14.35 -25.39
N PRO B 18 -0.50 -15.58 -25.25
CA PRO B 18 0.24 -16.66 -24.58
C PRO B 18 1.60 -16.93 -25.21
N GLU B 19 1.63 -17.10 -26.53
CA GLU B 19 2.85 -17.44 -27.23
C GLU B 19 3.85 -16.28 -27.25
N THR B 20 3.36 -15.05 -27.23
CA THR B 20 4.24 -13.88 -27.14
C THR B 20 4.89 -13.77 -25.76
N VAL B 21 4.10 -13.98 -24.71
CA VAL B 21 4.61 -13.89 -23.33
C VAL B 21 5.65 -14.98 -23.08
N LEU B 22 5.35 -16.20 -23.50
CA LEU B 22 6.26 -17.33 -23.36
C LEU B 22 7.57 -17.09 -24.09
N ALA B 23 7.49 -16.72 -25.37
CA ALA B 23 8.68 -16.46 -26.17
C ALA B 23 9.54 -15.30 -25.65
N ARG B 24 8.91 -14.26 -25.11
CA ARG B 24 9.65 -13.15 -24.53
C ARG B 24 10.39 -13.60 -23.28
N CYS B 25 9.75 -14.45 -22.49
CA CYS B 25 10.39 -14.99 -21.29
C CYS B 25 11.57 -15.85 -21.70
N VAL B 26 11.37 -16.74 -22.68
CA VAL B 26 12.45 -17.60 -23.19
C VAL B 26 13.64 -16.76 -23.68
N LYS B 27 13.37 -15.75 -24.50
CA LYS B 27 14.42 -14.84 -24.97
C LYS B 27 15.12 -14.05 -23.84
N TYR B 28 14.35 -13.57 -22.86
CA TYR B 28 14.95 -12.85 -21.72
C TYR B 28 15.88 -13.73 -20.87
N THR B 29 15.48 -14.98 -20.62
CA THR B 29 16.21 -15.83 -19.70
C THR B 29 17.42 -16.50 -20.35
N GLU B 30 17.53 -16.38 -21.66
CA GLU B 30 18.72 -16.83 -22.35
C GLU B 30 19.73 -15.69 -22.55
N ILE B 31 19.24 -14.46 -22.68
CA ILE B 31 20.13 -13.29 -22.77
C ILE B 31 20.72 -12.93 -21.42
N HIS B 32 19.88 -12.90 -20.38
CA HIS B 32 20.32 -12.47 -19.04
C HIS B 32 20.62 -13.68 -18.17
N PRO B 33 21.92 -13.91 -17.88
CA PRO B 33 22.41 -15.13 -17.23
C PRO B 33 21.89 -15.33 -15.81
N GLU B 34 21.67 -14.22 -15.10
CA GLU B 34 21.12 -14.25 -13.75
C GLU B 34 19.71 -14.86 -13.72
N MET B 35 19.01 -14.78 -14.85
CA MET B 35 17.62 -15.25 -14.94
C MET B 35 17.46 -16.69 -15.45
N ARG B 36 18.53 -17.48 -15.41
CA ARG B 36 18.51 -18.85 -15.95
C ARG B 36 17.80 -19.88 -15.04
N HIS B 37 17.50 -19.49 -13.80
CA HIS B 37 16.79 -20.37 -12.85
C HIS B 37 15.28 -20.33 -13.09
N VAL B 38 14.86 -19.32 -13.86
CA VAL B 38 13.45 -19.05 -14.15
C VAL B 38 12.84 -20.11 -15.09
N ASP B 39 11.66 -20.60 -14.74
CA ASP B 39 10.94 -21.55 -15.58
C ASP B 39 9.83 -20.81 -16.31
N CYS B 40 10.00 -20.63 -17.62
CA CYS B 40 9.09 -19.76 -18.37
C CYS B 40 7.67 -20.29 -18.48
N GLN B 41 7.51 -21.61 -18.45
CA GLN B 41 6.18 -22.20 -18.35
C GLN B 41 5.54 -21.77 -17.02
N SER B 42 6.30 -21.83 -15.93
CA SER B 42 5.80 -21.39 -14.62
C SER B 42 5.50 -19.90 -14.60
N VAL B 43 6.34 -19.11 -15.26
CA VAL B 43 6.08 -17.68 -15.38
C VAL B 43 4.72 -17.49 -16.03
N TRP B 44 4.52 -18.14 -17.18
CA TRP B 44 3.29 -17.95 -17.94
C TRP B 44 2.05 -18.35 -17.15
N ASP B 45 2.12 -19.52 -16.51
CA ASP B 45 1.03 -20.04 -15.69
C ASP B 45 0.64 -19.07 -14.60
N ALA B 46 1.64 -18.55 -13.88
CA ALA B 46 1.41 -17.52 -12.88
C ALA B 46 0.86 -16.22 -13.47
N PHE B 47 1.33 -15.86 -14.67
CA PHE B 47 0.83 -14.66 -15.37
C PHE B 47 -0.68 -14.81 -15.66
N LYS B 48 -1.05 -15.89 -16.34
CA LYS B 48 -2.45 -16.10 -16.71
C LYS B 48 -3.36 -16.35 -15.50
N GLY B 49 -2.83 -17.02 -14.48
CA GLY B 49 -3.56 -17.24 -13.22
C GLY B 49 -3.90 -15.96 -12.47
N ALA B 50 -3.21 -14.87 -12.80
CA ALA B 50 -3.53 -13.55 -12.25
C ALA B 50 -4.85 -12.99 -12.77
N PHE B 51 -5.20 -13.29 -14.03
CA PHE B 51 -6.38 -12.65 -14.66
C PHE B 51 -7.42 -13.59 -15.31
N ILE B 52 -7.00 -14.79 -15.70
CA ILE B 52 -7.92 -15.78 -16.30
C ILE B 52 -9.01 -16.13 -15.30
N SER B 53 -10.26 -16.16 -15.79
CA SER B 53 -11.46 -16.54 -15.00
C SER B 53 -11.77 -15.55 -13.86
N LYS B 54 -11.23 -14.35 -13.99
CA LYS B 54 -11.51 -13.27 -13.03
C LYS B 54 -12.20 -12.15 -13.75
N HIS B 55 -13.07 -11.46 -13.05
CA HIS B 55 -13.73 -10.30 -13.63
C HIS B 55 -12.65 -9.25 -13.89
N PRO B 56 -12.55 -8.76 -15.13
CA PRO B 56 -11.47 -7.82 -15.47
C PRO B 56 -11.58 -6.42 -14.84
N CYS B 57 -12.58 -6.22 -13.98
CA CYS B 57 -12.68 -4.99 -13.19
C CYS B 57 -12.48 -5.28 -11.71
N ASP B 58 -12.09 -6.52 -11.41
CA ASP B 58 -11.88 -6.92 -10.03
C ASP B 58 -10.48 -7.51 -9.81
N ILE B 59 -9.48 -6.92 -10.45
CA ILE B 59 -8.12 -7.42 -10.30
C ILE B 59 -7.42 -6.72 -9.12
N THR B 60 -6.63 -7.48 -8.37
CA THR B 60 -5.91 -6.95 -7.22
C THR B 60 -4.42 -7.18 -7.41
N GLU B 61 -3.62 -6.42 -6.66
CA GLU B 61 -2.17 -6.64 -6.63
C GLU B 61 -1.83 -8.07 -6.16
N GLU B 62 -2.59 -8.62 -5.23
CA GLU B 62 -2.37 -9.99 -4.75
C GLU B 62 -2.50 -11.03 -5.87
N ASP B 63 -3.33 -10.72 -6.85
CA ASP B 63 -3.54 -11.60 -8.00
C ASP B 63 -2.22 -11.83 -8.72
N TYR B 64 -1.37 -10.80 -8.70
CA TYR B 64 -0.10 -10.81 -9.41
C TYR B 64 1.12 -11.24 -8.57
N GLN B 65 0.92 -11.49 -7.28
CA GLN B 65 2.01 -11.89 -6.37
C GLN B 65 2.79 -13.14 -6.83
N PRO B 66 2.09 -14.22 -7.24
CA PRO B 66 2.87 -15.37 -7.71
C PRO B 66 3.74 -15.02 -8.92
N LEU B 67 3.20 -14.28 -9.88
CA LEU B 67 4.03 -13.72 -10.95
C LEU B 67 5.21 -12.89 -10.41
N MET B 68 4.91 -11.90 -9.56
CA MET B 68 5.96 -11.06 -8.95
C MET B 68 7.05 -11.92 -8.31
N LYS B 69 6.63 -13.00 -7.65
CA LYS B 69 7.55 -13.88 -6.93
C LYS B 69 8.49 -14.62 -7.88
N LEU B 70 7.95 -15.16 -8.97
CA LEU B 70 8.79 -15.84 -9.96
C LEU B 70 9.68 -14.89 -10.76
N GLY B 71 9.22 -13.66 -10.94
CA GLY B 71 9.98 -12.67 -11.71
C GLY B 71 10.83 -11.78 -10.82
N THR B 72 11.10 -12.28 -9.61
CA THR B 72 11.99 -11.63 -8.65
C THR B 72 13.37 -11.48 -9.27
N GLN B 73 13.86 -10.25 -9.27
CA GLN B 73 15.07 -9.89 -9.98
C GLN B 73 15.81 -8.79 -9.24
N THR B 74 17.11 -8.99 -9.04
CA THR B 74 17.96 -7.94 -8.51
C THR B 74 18.41 -7.05 -9.66
N VAL B 75 18.23 -5.75 -9.46
CA VAL B 75 18.62 -4.74 -10.43
C VAL B 75 19.59 -3.86 -9.68
N PRO B 76 20.73 -3.50 -10.31
CA PRO B 76 21.63 -2.50 -9.74
C PRO B 76 20.82 -1.32 -9.24
N CYS B 77 20.72 -1.16 -7.92
CA CYS B 77 19.80 -0.18 -7.32
C CYS B 77 20.10 1.28 -7.71
N ASN B 78 21.40 1.59 -7.87
CA ASN B 78 21.86 2.93 -8.19
C ASN B 78 21.83 3.25 -9.66
N LYS B 79 21.33 2.32 -10.48
CA LYS B 79 21.40 2.48 -11.93
C LYS B 79 20.02 2.47 -12.62
N ILE B 80 19.02 2.96 -11.90
CA ILE B 80 17.64 2.91 -12.38
C ILE B 80 17.23 4.19 -13.12
N LEU B 81 16.65 3.99 -14.31
CA LEU B 81 16.05 5.08 -15.08
C LEU B 81 14.51 5.00 -15.08
N LEU B 82 13.86 5.90 -14.36
CA LEU B 82 12.42 6.05 -14.53
C LEU B 82 12.18 6.96 -15.72
N TRP B 83 10.97 6.94 -16.26
CA TRP B 83 10.57 7.86 -17.30
C TRP B 83 9.07 8.15 -17.14
N SER B 84 8.63 9.28 -17.70
CA SER B 84 7.20 9.58 -17.77
C SER B 84 6.82 10.15 -19.15
N ARG B 85 6.06 9.36 -19.91
CA ARG B 85 5.52 9.72 -21.24
C ARG B 85 6.59 9.96 -22.31
N ILE B 86 7.78 9.42 -22.10
CA ILE B 86 8.89 9.53 -23.06
C ILE B 86 9.59 8.16 -23.15
N LYS B 87 8.78 7.16 -23.50
CA LYS B 87 9.18 5.76 -23.42
C LYS B 87 10.31 5.42 -24.38
N ASP B 88 10.14 5.83 -25.63
CA ASP B 88 11.06 5.49 -26.71
C ASP B 88 12.50 5.95 -26.46
N LEU B 89 12.69 7.21 -26.08
CA LEU B 89 14.02 7.73 -25.77
C LEU B 89 14.67 7.01 -24.59
N ALA B 90 13.92 6.83 -23.51
CA ALA B 90 14.40 6.10 -22.36
C ALA B 90 14.93 4.74 -22.79
N HIS B 91 14.21 4.09 -23.69
CA HIS B 91 14.64 2.79 -24.20
C HIS B 91 15.82 2.86 -25.17
N GLN B 92 15.77 3.77 -26.14
CA GLN B 92 16.91 4.01 -27.03
C GLN B 92 18.17 4.23 -26.19
N PHE B 93 18.01 4.97 -25.10
CA PHE B 93 19.11 5.29 -24.20
C PHE B 93 19.67 4.04 -23.49
N THR B 94 18.80 3.27 -22.84
CA THR B 94 19.28 2.08 -22.12
C THR B 94 19.76 0.97 -23.03
N GLN B 95 19.29 0.96 -24.28
CA GLN B 95 19.75 -0.01 -25.27
C GLN B 95 21.21 0.22 -25.66
N VAL B 96 21.65 1.47 -25.49
CA VAL B 96 23.03 1.83 -25.75
C VAL B 96 23.81 1.82 -24.44
N GLN B 97 23.29 2.55 -23.44
CA GLN B 97 23.88 2.63 -22.11
C GLN B 97 23.34 1.48 -21.28
N ARG B 98 23.87 0.29 -21.51
CA ARG B 98 23.31 -0.93 -20.93
C ARG B 98 23.70 -1.17 -19.47
N ASP B 99 24.21 -0.13 -18.81
CA ASP B 99 24.45 -0.18 -17.38
C ASP B 99 23.32 0.52 -16.62
N MET B 100 22.43 1.19 -17.35
CA MET B 100 21.22 1.75 -16.76
C MET B 100 19.99 0.94 -17.14
N PHE B 101 18.97 0.98 -16.28
CA PHE B 101 17.83 0.07 -16.41
C PHE B 101 16.48 0.76 -16.23
N THR B 102 15.62 0.66 -17.23
CA THR B 102 14.21 0.99 -17.08
C THR B 102 13.46 -0.25 -16.60
N LEU B 103 12.20 -0.07 -16.24
CA LEU B 103 11.31 -1.14 -15.86
C LEU B 103 11.17 -2.19 -16.96
N GLU B 104 11.15 -1.71 -18.21
CA GLU B 104 11.06 -2.57 -19.38
C GLU B 104 12.33 -3.40 -19.61
N ASP B 105 13.39 -3.09 -18.87
CA ASP B 105 14.63 -3.86 -18.95
C ASP B 105 14.65 -5.00 -17.93
N THR B 106 13.61 -5.09 -17.12
CA THR B 106 13.46 -6.19 -16.18
C THR B 106 12.67 -7.31 -16.83
N LEU B 107 12.74 -8.52 -16.29
CA LEU B 107 12.03 -9.62 -16.90
C LEU B 107 10.55 -9.26 -17.02
N LEU B 108 9.95 -8.79 -15.94
CA LEU B 108 8.51 -8.58 -15.90
C LEU B 108 8.03 -7.48 -16.83
N GLY B 109 8.74 -6.37 -16.86
CA GLY B 109 8.38 -5.26 -17.74
C GLY B 109 8.62 -5.64 -19.19
N TYR B 110 9.65 -6.45 -19.43
CA TYR B 110 9.95 -6.90 -20.78
C TYR B 110 8.81 -7.77 -21.34
N LEU B 111 8.29 -8.66 -20.48
CA LEU B 111 7.19 -9.58 -20.86
C LEU B 111 5.93 -8.83 -21.28
N ALA B 112 5.66 -7.71 -20.61
CA ALA B 112 4.36 -7.08 -20.72
C ALA B 112 4.38 -5.85 -21.61
N ASP B 113 5.57 -5.37 -21.97
CA ASP B 113 5.74 -4.11 -22.72
C ASP B 113 4.87 -4.08 -23.98
N ASP B 114 4.03 -3.05 -24.08
CA ASP B 114 3.14 -2.82 -25.24
C ASP B 114 2.04 -3.86 -25.45
N LEU B 115 1.82 -4.72 -24.46
CA LEU B 115 0.78 -5.76 -24.57
C LEU B 115 -0.50 -5.38 -23.82
N THR B 116 -1.59 -6.00 -24.23
CA THR B 116 -2.88 -5.82 -23.61
C THR B 116 -3.42 -7.21 -23.35
N TRP B 117 -4.01 -7.41 -22.19
CA TRP B 117 -4.60 -8.69 -21.87
C TRP B 117 -5.79 -8.53 -20.91
N CYS B 118 -6.78 -9.39 -21.08
CA CYS B 118 -7.87 -9.54 -20.09
C CYS B 118 -8.63 -10.84 -20.32
N GLY B 119 -9.26 -11.30 -19.24
CA GLY B 119 -10.11 -12.47 -19.31
C GLY B 119 -11.57 -12.10 -19.06
N GLU B 120 -12.38 -13.13 -18.78
CA GLU B 120 -13.80 -13.00 -18.57
C GLU B 120 -14.14 -13.77 -17.30
N PHE B 121 -15.08 -13.27 -16.52
CA PHE B 121 -15.44 -13.93 -15.26
C PHE B 121 -16.11 -15.29 -15.45
N ASP B 122 -16.96 -15.40 -16.46
CA ASP B 122 -17.73 -16.65 -16.68
C ASP B 122 -16.95 -17.81 -17.32
N THR B 123 -15.86 -17.50 -18.05
CA THR B 123 -15.10 -18.51 -18.81
C THR B 123 -13.60 -18.46 -18.52
N SER B 124 -12.85 -19.40 -19.10
CA SER B 124 -11.40 -19.39 -19.03
C SER B 124 -10.79 -18.68 -20.22
N LYS B 125 -11.62 -18.13 -21.09
CA LYS B 125 -11.11 -17.52 -22.31
C LYS B 125 -10.48 -16.15 -22.12
N ILE B 126 -9.44 -15.91 -22.91
CA ILE B 126 -8.86 -14.59 -23.06
C ILE B 126 -9.80 -13.76 -23.92
N ASN B 127 -10.09 -12.54 -23.49
CA ASN B 127 -10.90 -11.64 -24.29
C ASN B 127 -10.04 -10.95 -25.36
N TYR B 128 -10.11 -11.47 -26.57
CA TYR B 128 -9.43 -10.91 -27.73
C TYR B 128 -10.30 -9.88 -28.47
N GLN B 129 -11.46 -9.58 -27.90
CA GLN B 129 -12.39 -8.60 -28.48
C GLN B 129 -12.17 -7.20 -27.87
N SER B 130 -12.27 -7.11 -26.55
CA SER B 130 -12.09 -5.83 -25.83
C SER B 130 -11.65 -6.05 -24.40
N CYS B 131 -11.03 -5.03 -23.82
CA CYS B 131 -10.60 -5.03 -22.40
C CYS B 131 -10.96 -3.67 -21.75
N PRO B 132 -11.19 -3.67 -20.42
CA PRO B 132 -11.61 -2.42 -19.77
C PRO B 132 -10.62 -1.28 -19.97
N ASP B 133 -11.13 -0.13 -20.40
CA ASP B 133 -10.33 1.07 -20.42
C ASP B 133 -10.25 1.61 -18.99
N TRP B 134 -9.04 1.90 -18.53
CA TRP B 134 -8.79 2.45 -17.19
C TRP B 134 -9.78 3.55 -16.78
N ARG B 135 -10.08 4.43 -17.74
CA ARG B 135 -10.88 5.61 -17.47
C ARG B 135 -12.36 5.42 -17.79
N LYS B 136 -12.66 4.88 -18.98
CA LYS B 136 -14.04 4.67 -19.42
C LYS B 136 -14.70 3.44 -18.78
N ASP B 137 -13.90 2.51 -18.25
CA ASP B 137 -14.48 1.27 -17.70
C ASP B 137 -14.24 1.05 -16.20
N CYS B 138 -13.00 0.79 -15.83
CA CYS B 138 -12.63 0.56 -14.44
C CYS B 138 -11.13 0.60 -14.36
N SER B 139 -10.64 1.07 -13.22
CA SER B 139 -9.21 1.20 -13.01
C SER B 139 -8.55 -0.12 -12.63
N ASN B 140 -9.29 -0.99 -11.95
CA ASN B 140 -8.80 -2.27 -11.44
C ASN B 140 -8.80 -3.39 -12.50
N ASN B 141 -8.31 -3.07 -13.69
CA ASN B 141 -8.22 -3.99 -14.81
C ASN B 141 -6.84 -4.68 -14.88
N PRO B 142 -6.73 -5.87 -15.51
CA PRO B 142 -5.49 -6.66 -15.48
C PRO B 142 -4.22 -5.89 -15.88
N VAL B 143 -4.32 -5.03 -16.88
CA VAL B 143 -3.16 -4.30 -17.34
C VAL B 143 -2.75 -3.23 -16.33
N SER B 144 -3.71 -2.41 -15.90
CA SER B 144 -3.40 -1.27 -15.03
C SER B 144 -2.91 -1.72 -13.66
N VAL B 145 -3.47 -2.81 -13.15
CA VAL B 145 -3.06 -3.37 -11.86
C VAL B 145 -1.65 -3.97 -12.00
N PHE B 146 -1.38 -4.62 -13.12
CA PHE B 146 -0.04 -5.16 -13.37
C PHE B 146 0.98 -4.05 -13.28
N TRP B 147 0.80 -3.01 -14.08
CA TRP B 147 1.79 -1.99 -14.16
C TRP B 147 1.97 -1.26 -12.85
N LYS B 148 0.86 -1.10 -12.11
CA LYS B 148 0.92 -0.39 -10.85
C LYS B 148 1.79 -1.17 -9.86
N THR B 149 1.57 -2.49 -9.80
CA THR B 149 2.29 -3.37 -8.90
C THR B 149 3.77 -3.45 -9.22
N VAL B 150 4.11 -3.69 -10.49
CA VAL B 150 5.52 -3.80 -10.87
C VAL B 150 6.23 -2.44 -10.77
N SER B 151 5.53 -1.36 -11.06
CA SER B 151 6.12 -0.01 -10.97
C SER B 151 6.45 0.37 -9.54
N ARG B 152 5.59 -0.02 -8.61
CA ARG B 152 5.81 0.21 -7.19
C ARG B 152 7.02 -0.59 -6.68
N ARG B 153 7.09 -1.87 -7.04
CA ARG B 153 8.23 -2.71 -6.69
C ARG B 153 9.55 -2.16 -7.24
N PHE B 154 9.52 -1.75 -8.50
CA PHE B 154 10.66 -1.16 -9.18
C PHE B 154 11.16 0.11 -8.48
N ALA B 155 10.23 0.99 -8.09
CA ALA B 155 10.61 2.24 -7.43
C ALA B 155 11.23 1.93 -6.05
N GLU B 156 10.71 0.87 -5.41
CA GLU B 156 11.18 0.44 -4.08
C GLU B 156 12.58 -0.16 -4.11
N ALA B 157 12.96 -0.69 -5.27
CA ALA B 157 14.28 -1.28 -5.45
C ALA B 157 15.36 -0.20 -5.63
N ALA B 158 14.96 1.02 -5.97
CA ALA B 158 15.92 2.09 -6.31
C ALA B 158 16.72 2.60 -5.11
N CYS B 159 17.92 3.08 -5.40
CA CYS B 159 18.79 3.64 -4.39
C CYS B 159 19.72 4.71 -4.97
N ASP B 160 20.34 5.45 -4.05
CA ASP B 160 21.40 6.38 -4.35
C ASP B 160 20.83 7.44 -5.28
N VAL B 161 21.31 7.50 -6.50
CA VAL B 161 20.78 8.50 -7.42
C VAL B 161 19.85 7.82 -8.41
N VAL B 162 18.59 8.23 -8.40
CA VAL B 162 17.60 7.72 -9.30
C VAL B 162 17.36 8.82 -10.33
N HIS B 163 17.37 8.43 -11.60
CA HIS B 163 17.13 9.38 -12.69
C HIS B 163 15.73 9.19 -13.26
N VAL B 164 15.16 10.28 -13.76
CA VAL B 164 13.88 10.19 -14.47
C VAL B 164 13.90 11.03 -15.72
N MET B 165 13.54 10.40 -16.83
CA MET B 165 13.42 11.13 -18.09
C MET B 165 12.00 11.71 -18.17
N LEU B 166 11.89 13.00 -18.51
CA LEU B 166 10.59 13.66 -18.68
C LEU B 166 10.51 14.36 -20.04
N ASP B 167 9.29 14.49 -20.55
CA ASP B 167 9.00 15.06 -21.88
C ASP B 167 8.76 16.55 -21.73
N GLY B 168 9.80 17.34 -21.97
CA GLY B 168 9.71 18.82 -21.90
C GLY B 168 8.84 19.51 -22.94
N SER B 169 8.28 18.74 -23.86
CA SER B 169 7.32 19.31 -24.82
C SER B 169 5.87 19.04 -24.37
N ARG B 170 5.72 18.17 -23.38
CA ARG B 170 4.43 17.93 -22.73
C ARG B 170 3.93 19.19 -22.01
N SER B 171 2.62 19.42 -22.05
CA SER B 171 2.00 20.56 -21.37
C SER B 171 2.26 20.52 -19.86
N LYS B 172 2.18 19.33 -19.28
CA LYS B 172 2.62 19.12 -17.92
C LYS B 172 3.82 18.20 -17.95
N ILE B 173 5.01 18.80 -17.94
CA ILE B 173 6.27 18.04 -17.95
C ILE B 173 6.27 16.99 -16.82
N PHE B 174 6.00 17.45 -15.60
CA PHE B 174 5.67 16.53 -14.51
C PHE B 174 4.16 16.52 -14.35
N ASP B 175 3.60 15.33 -14.49
CA ASP B 175 2.18 15.13 -14.35
C ASP B 175 1.97 14.27 -13.12
N LYS B 176 1.43 14.89 -12.07
CA LYS B 176 1.14 14.19 -10.82
C LYS B 176 0.16 13.01 -11.02
N ASP B 177 -0.61 13.04 -12.11
CA ASP B 177 -1.58 11.98 -12.43
C ASP B 177 -0.95 10.80 -13.17
N SER B 178 0.25 11.00 -13.74
CA SER B 178 0.96 9.91 -14.41
C SER B 178 1.31 8.78 -13.43
N THR B 179 1.70 7.62 -13.97
CA THR B 179 2.15 6.49 -13.15
C THR B 179 3.39 6.88 -12.39
N PHE B 180 4.33 7.52 -13.07
CA PHE B 180 5.48 8.09 -12.39
C PHE B 180 5.08 9.03 -11.25
N GLY B 181 4.11 9.90 -11.50
CA GLY B 181 3.72 10.90 -10.52
C GLY B 181 2.92 10.34 -9.37
N SER B 182 2.10 9.33 -9.65
CA SER B 182 1.13 8.91 -8.66
C SER B 182 1.54 7.59 -8.00
N VAL B 183 2.55 6.92 -8.55
CA VAL B 183 3.00 5.62 -8.03
C VAL B 183 4.49 5.62 -7.67
N GLU B 184 5.33 5.86 -8.66
CA GLU B 184 6.78 5.69 -8.50
C GLU B 184 7.42 6.76 -7.63
N VAL B 185 6.98 8.02 -7.74
CA VAL B 185 7.51 9.08 -6.89
C VAL B 185 7.29 8.78 -5.40
N HIS B 186 6.15 8.17 -5.11
CA HIS B 186 5.72 7.97 -3.74
C HIS B 186 6.22 6.66 -3.16
N ASN B 187 6.97 5.91 -3.97
CA ASN B 187 7.49 4.61 -3.54
C ASN B 187 9.01 4.50 -3.57
N LEU B 188 9.69 5.59 -3.95
CA LEU B 188 11.11 5.73 -3.72
C LEU B 188 11.34 5.75 -2.21
N GLN B 189 12.30 4.95 -1.74
CA GLN B 189 12.53 4.84 -0.29
C GLN B 189 13.57 5.90 0.17
N PRO B 190 13.15 6.82 1.06
CA PRO B 190 14.04 7.89 1.54
C PRO B 190 15.27 7.38 2.31
N GLU B 191 15.19 6.16 2.84
CA GLU B 191 16.31 5.57 3.57
C GLU B 191 17.44 5.13 2.64
N LYS B 192 17.09 4.80 1.39
CA LYS B 192 18.02 4.35 0.35
C LYS B 192 18.27 5.41 -0.74
N VAL B 193 17.25 6.15 -1.13
CA VAL B 193 17.40 7.11 -2.25
C VAL B 193 17.91 8.48 -1.77
N GLN B 194 19.07 8.87 -2.26
CA GLN B 194 19.65 10.17 -1.93
C GLN B 194 19.06 11.30 -2.76
N THR B 195 19.01 11.09 -4.09
CA THR B 195 18.61 12.13 -5.04
C THR B 195 17.76 11.57 -6.15
N LEU B 196 16.70 12.29 -6.52
CA LEU B 196 16.02 12.05 -7.76
C LEU B 196 16.49 13.13 -8.74
N GLU B 197 17.01 12.69 -9.88
CA GLU B 197 17.44 13.63 -10.91
C GLU B 197 16.64 13.55 -12.21
N ALA B 198 16.00 14.66 -12.54
CA ALA B 198 15.15 14.75 -13.72
C ALA B 198 15.91 15.23 -14.94
N TRP B 199 15.77 14.47 -16.02
CA TRP B 199 16.28 14.89 -17.32
C TRP B 199 15.13 15.35 -18.20
N VAL B 200 15.02 16.66 -18.36
CA VAL B 200 13.90 17.23 -19.09
C VAL B 200 14.24 17.36 -20.57
N ILE B 201 13.63 16.50 -21.37
CA ILE B 201 13.96 16.44 -22.81
C ILE B 201 13.21 17.48 -23.63
N HIS B 202 13.95 18.39 -24.26
CA HIS B 202 13.34 19.39 -25.13
C HIS B 202 12.95 18.76 -26.47
N GLY B 203 12.04 19.43 -27.19
CA GLY B 203 11.70 19.08 -28.55
C GLY B 203 12.26 20.12 -29.50
N GLY B 204 11.53 20.39 -30.59
CA GLY B 204 11.97 21.36 -31.61
C GLY B 204 12.05 22.79 -31.10
N ASP B 207 15.05 23.56 -26.67
CA ASP B 207 14.80 24.99 -26.79
C ASP B 207 15.93 25.84 -26.23
N SER B 208 15.58 27.04 -25.77
CA SER B 208 16.45 27.87 -24.97
C SER B 208 15.97 27.87 -23.53
N ARG B 209 14.66 27.66 -23.36
CA ARG B 209 14.02 27.70 -22.05
C ARG B 209 14.70 26.77 -21.04
N ASP B 210 14.85 27.24 -19.80
CA ASP B 210 15.27 26.37 -18.73
C ASP B 210 14.03 25.70 -18.19
N LEU B 211 13.73 24.53 -18.74
CA LEU B 211 12.51 23.82 -18.36
C LEU B 211 12.59 23.26 -16.94
N CYS B 212 13.76 23.36 -16.30
CA CYS B 212 13.87 23.05 -14.87
C CYS B 212 13.19 24.10 -13.98
N GLN B 213 12.84 25.24 -14.57
CA GLN B 213 12.09 26.27 -13.87
C GLN B 213 10.57 26.13 -14.06
N ASP B 214 10.14 25.13 -14.83
CA ASP B 214 8.72 24.92 -15.09
C ASP B 214 7.95 24.68 -13.80
N PRO B 215 6.72 25.26 -13.71
CA PRO B 215 5.84 25.10 -12.57
C PRO B 215 5.78 23.65 -12.09
N THR B 216 5.51 22.72 -12.99
CA THR B 216 5.35 21.31 -12.61
C THR B 216 6.65 20.67 -12.12
N ILE B 217 7.79 21.16 -12.60
CA ILE B 217 9.09 20.69 -12.10
C ILE B 217 9.30 21.18 -10.66
N LYS B 218 8.95 22.45 -10.41
CA LYS B 218 8.99 23.01 -9.06
C LYS B 218 8.08 22.21 -8.14
N GLU B 219 6.96 21.74 -8.68
CA GLU B 219 6.03 20.93 -7.92
C GLU B 219 6.63 19.56 -7.59
N LEU B 220 7.23 18.92 -8.60
CA LEU B 220 7.96 17.67 -8.39
C LEU B 220 9.06 17.84 -7.34
N GLU B 221 9.84 18.92 -7.48
CA GLU B 221 10.91 19.25 -6.53
C GLU B 221 10.41 19.34 -5.09
N SER B 222 9.29 20.04 -4.91
CA SER B 222 8.71 20.23 -3.59
C SER B 222 8.19 18.92 -3.00
N ILE B 223 7.51 18.12 -3.82
CA ILE B 223 7.01 16.79 -3.38
C ILE B 223 8.17 15.93 -2.92
N ILE B 224 9.19 15.87 -3.76
CA ILE B 224 10.38 15.08 -3.49
C ILE B 224 11.19 15.57 -2.29
N SER B 225 11.39 16.88 -2.19
CA SER B 225 12.10 17.46 -1.03
C SER B 225 11.41 17.10 0.29
N LYS B 226 10.08 17.19 0.29
CA LYS B 226 9.31 16.95 1.50
C LYS B 226 9.25 15.46 1.89
N ARG B 227 9.76 14.61 1.03
CA ARG B 227 9.93 13.19 1.36
C ARG B 227 11.34 12.94 1.91
N ASN B 228 12.16 14.00 2.02
CA ASN B 228 13.55 13.91 2.53
C ASN B 228 14.49 13.27 1.51
N ILE B 229 14.31 13.64 0.25
CA ILE B 229 15.12 13.18 -0.86
C ILE B 229 15.49 14.43 -1.64
N GLN B 230 16.75 14.55 -2.03
CA GLN B 230 17.22 15.72 -2.75
C GLN B 230 16.70 15.67 -4.18
N PHE B 231 16.55 16.84 -4.78
CA PHE B 231 16.11 16.92 -6.15
C PHE B 231 17.11 17.67 -7.02
N SER B 232 17.29 17.18 -8.24
CA SER B 232 18.23 17.77 -9.19
C SER B 232 17.56 17.80 -10.55
N CYS B 233 17.90 18.76 -11.38
CA CYS B 233 17.28 18.79 -12.71
C CYS B 233 18.28 19.24 -13.78
N LYS B 234 18.18 18.62 -14.95
CA LYS B 234 19.05 18.92 -16.08
C LYS B 234 18.21 18.99 -17.34
N ASN B 235 18.43 20.03 -18.14
CA ASN B 235 17.89 20.09 -19.48
C ASN B 235 18.69 19.22 -20.44
N ILE B 236 17.99 18.46 -21.27
CA ILE B 236 18.60 17.85 -22.46
C ILE B 236 18.12 18.75 -23.57
N TYR B 237 18.98 19.68 -23.98
CA TYR B 237 18.62 20.69 -24.97
C TYR B 237 18.44 20.13 -26.38
N ARG B 238 19.29 19.18 -26.75
CA ARG B 238 19.25 18.57 -28.07
C ARG B 238 19.40 17.06 -27.90
N PRO B 239 18.25 16.34 -27.88
CA PRO B 239 18.25 14.89 -27.66
C PRO B 239 19.03 14.15 -28.75
N ASP B 240 19.13 14.77 -29.92
CA ASP B 240 20.00 14.30 -31.00
C ASP B 240 21.45 14.27 -30.54
N LYS B 241 21.95 15.42 -30.08
CA LYS B 241 23.31 15.54 -29.55
C LYS B 241 23.49 14.60 -28.36
N PHE B 242 22.43 14.44 -27.55
CA PHE B 242 22.44 13.55 -26.39
C PHE B 242 22.67 12.10 -26.82
N LEU B 243 21.86 11.62 -27.77
CA LEU B 243 22.06 10.28 -28.34
C LEU B 243 23.43 10.14 -29.03
N GLN B 244 23.83 11.17 -29.78
CA GLN B 244 25.15 11.18 -30.43
C GLN B 244 26.21 10.83 -29.39
N CYS B 245 26.16 11.56 -28.28
CA CYS B 245 27.12 11.44 -27.19
C CYS B 245 26.93 10.16 -26.38
N VAL B 246 25.68 9.73 -26.22
CA VAL B 246 25.41 8.45 -25.56
C VAL B 246 26.07 7.32 -26.37
N LYS B 247 25.82 7.31 -27.68
CA LYS B 247 26.32 6.25 -28.58
C LYS B 247 27.84 6.20 -28.71
N ASN B 248 28.47 7.37 -28.85
CA ASN B 248 29.93 7.44 -28.90
CA ASN B 248 29.93 7.45 -28.90
C ASN B 248 30.45 8.48 -27.90
N PRO B 249 30.53 8.08 -26.60
CA PRO B 249 30.90 9.01 -25.54
C PRO B 249 32.27 9.65 -25.77
N GLU B 250 33.17 8.87 -26.37
CA GLU B 250 34.51 9.34 -26.69
C GLU B 250 34.52 10.36 -27.84
N ASP B 251 33.35 10.77 -28.29
CA ASP B 251 33.20 11.84 -29.29
C ASP B 251 33.71 13.14 -28.71
N SER B 252 34.71 13.72 -29.38
CA SER B 252 35.39 14.92 -28.93
C SER B 252 34.47 16.15 -28.77
N SER B 253 33.34 16.14 -29.48
CA SER B 253 32.38 17.24 -29.42
C SER B 253 31.47 17.12 -28.20
N CYS B 254 31.56 15.97 -27.54
CA CYS B 254 30.80 15.68 -26.34
C CYS B 254 31.60 16.01 -25.08
P 46Z C . -7.86 -5.61 11.84
C1 46Z C . -5.18 -3.23 15.36
C2 46Z C . -6.42 -3.22 16.28
F2 46Z C . -7.08 -2.01 16.36
C3 46Z C . -7.34 -4.26 15.68
O3 46Z C . -7.28 -5.32 16.64
C4 46Z C . -6.75 -4.61 14.27
O4 46Z C . -5.67 -3.67 14.07
O5 46Z C . -7.65 -4.45 13.05
CAE 46Z C . -6.88 -6.16 5.23
CAF 46Z C . -7.93 -6.92 5.80
CAG 46Z C . -6.55 -4.92 5.76
CAH 46Z C . -8.62 -6.41 6.90
CAI 46Z C . -7.25 -4.42 6.87
CAJ 46Z C . -8.22 -3.99 9.74
CAK 46Z C . -9.08 -4.64 8.66
CAP 46Z C . -8.29 -5.17 7.44
OP1 46Z C . -7.11 -6.85 12.00
OP2 46Z C . -9.45 -5.86 11.74
OP3 46Z C . -7.44 -4.98 10.38
P 46Z D . 4.25 7.13 -16.88
C1 46Z D . 6.49 3.27 -14.47
C2 46Z D . 7.52 3.13 -15.63
F2 46Z D . 7.33 2.06 -16.55
C3 46Z D . 7.47 4.46 -16.35
O3 46Z D . 8.69 5.05 -15.88
C4 46Z D . 6.19 5.22 -15.89
O4 46Z D . 5.81 4.57 -14.60
O5 46Z D . 4.90 5.52 -16.71
CAE 46Z D . -1.50 10.17 -17.02
CAF 46Z D . -0.41 10.50 -17.81
CAG 46Z D . -1.80 8.82 -16.77
CAH 46Z D . 0.38 9.47 -18.38
CAI 46Z D . -1.02 7.80 -17.34
CAJ 46Z D . 1.93 6.28 -17.80
CAK 46Z D . 0.96 7.02 -18.78
CAP 46Z D . 0.08 8.12 -18.14
OP1 46Z D . 4.81 8.06 -15.89
OP2 46Z D . 4.58 7.65 -18.38
OP3 46Z D . 2.66 7.19 -16.93
#